data_6FR8
#
_entry.id   6FR8
#
_cell.length_a   69.530
_cell.length_b   49.880
_cell.length_c   72.890
_cell.angle_alpha   90.00
_cell.angle_beta   94.26
_cell.angle_gamma   90.00
#
_symmetry.space_group_name_H-M   'P 1 21 1'
#
loop_
_entity.id
_entity.type
_entity.pdbx_description
1 polymer 'T-Cell Receptor HA1.7 alpha Chain'
2 polymer 'T-Cell Receptor HA1.7 beta Chain'
3 non-polymer 'SULFATE ION'
4 water water
#
loop_
_entity_poly.entity_id
_entity_poly.type
_entity_poly.pdbx_seq_one_letter_code
_entity_poly.pdbx_strand_id
1 'polypeptide(L)'
;MQSVTQLGSHVSVSEGALVLLRCNYSSSVPPYLFWYVQYPNQGLQLLLKYTSAATLVKGINGFEAEFKKSETSFHLTKPS
AHMSDAAEYFCAVSESPFGNEKLTFGTGTRLTIIPNIQNPDPAVYQLRDSKSSDKSVCLFTDFDSQTNVSQSKDSDVYIT
DKCVLDMRSMDFKSNSAVAWSNKSDFACANAFNNSIIPEDTF
;
A
2 'polypeptide(L)'
;VKVTQSSRYLVKRTGEKVFLECVQDMDHENMFWYRQDPGLGLRLIYFSYDVKMKEKGDIPEGYSVSREKKERFSLILESA
STNQTSMYLCASSSTGLPYGYTFGSGTRLTVVEDLNKVFPPEVAVFEPSEAEISHTQKATLVCLATGFFPDHVELSWWVN
GKEVHSGVCTDPQPLKEQPALNDSRYSLSSRLRVSATFWQNPRNHFRCQVQFYGLSENDEWTQDRAKPVTQIVSAEAWGR
A
;
B
#
loop_
_chem_comp.id
_chem_comp.type
_chem_comp.name
_chem_comp.formula
SO4 non-polymer 'SULFATE ION' 'O4 S -2'
#
# COMPACT_ATOMS: atom_id res chain seq x y z
N MET A 1 11.81 11.73 -24.07
CA MET A 1 10.55 11.01 -23.75
C MET A 1 10.41 9.56 -24.34
N GLN A 2 10.89 9.24 -25.53
CA GLN A 2 10.41 7.95 -26.13
C GLN A 2 10.25 6.76 -25.11
N SER A 3 11.24 6.32 -24.34
CA SER A 3 11.03 5.09 -23.50
C SER A 3 11.88 4.99 -22.23
N VAL A 4 11.49 4.15 -21.29
CA VAL A 4 12.19 4.04 -20.03
C VAL A 4 12.12 2.64 -19.41
N THR A 5 13.18 2.20 -18.74
CA THR A 5 13.23 0.86 -18.15
C THR A 5 13.82 0.90 -16.77
N GLN A 6 13.31 0.07 -15.87
CA GLN A 6 13.73 0.05 -14.46
C GLN A 6 14.02 -1.39 -14.15
N LEU A 7 15.30 -1.69 -14.17
CA LEU A 7 15.80 -3.06 -14.18
C LEU A 7 15.89 -3.46 -12.70
N GLY A 8 15.10 -4.47 -12.30
CA GLY A 8 14.92 -4.80 -10.87
C GLY A 8 13.60 -4.24 -10.44
N SER A 9 12.57 -5.07 -10.38
CA SER A 9 11.29 -4.67 -9.84
C SER A 9 11.25 -4.69 -8.29
N HIS A 10 12.10 -5.48 -7.63
CA HIS A 10 12.14 -5.57 -6.19
CA HIS A 10 12.14 -5.53 -6.18
C HIS A 10 13.58 -5.47 -5.71
N VAL A 11 13.90 -4.61 -4.74
CA VAL A 11 15.24 -4.51 -4.17
C VAL A 11 15.09 -4.58 -2.64
N SER A 12 15.93 -5.37 -1.98
CA SER A 12 15.92 -5.51 -0.51
C SER A 12 17.26 -5.21 0.03
N VAL A 13 17.37 -4.23 0.93
CA VAL A 13 18.65 -3.91 1.58
C VAL A 13 18.53 -3.79 3.08
N SER A 14 19.64 -4.00 3.77
CA SER A 14 19.73 -3.80 5.18
C SER A 14 19.59 -2.30 5.48
N GLU A 15 18.85 -2.00 6.54
CA GLU A 15 18.93 -0.73 7.22
C GLU A 15 20.42 -0.38 7.26
N GLY A 16 20.78 0.79 6.73
CA GLY A 16 22.18 1.31 6.69
C GLY A 16 22.97 1.17 5.38
N ALA A 17 22.45 0.34 4.48
CA ALA A 17 23.20 -0.07 3.28
C ALA A 17 22.88 0.80 2.12
N LEU A 18 23.70 0.70 1.09
CA LEU A 18 23.59 1.50 -0.12
C LEU A 18 22.31 1.12 -0.80
N VAL A 19 21.53 2.14 -1.17
CA VAL A 19 20.39 1.95 -2.02
C VAL A 19 20.78 2.39 -3.44
N LEU A 20 20.40 1.58 -4.41
CA LEU A 20 20.64 1.89 -5.83
C LEU A 20 19.48 1.40 -6.68
N LEU A 21 18.79 2.29 -7.36
CA LEU A 21 17.67 1.93 -8.19
C LEU A 21 18.03 2.35 -9.60
N ARG A 22 17.75 1.45 -10.54
CA ARG A 22 18.20 1.64 -11.92
C ARG A 22 17.17 2.26 -12.81
N CYS A 23 17.56 3.19 -13.62
CA CYS A 23 16.74 3.77 -14.60
C CYS A 23 17.59 3.95 -15.86
N ASN A 24 17.02 3.64 -17.01
CA ASN A 24 17.66 3.58 -18.29
C ASN A 24 16.63 4.03 -19.26
N TYR A 25 17.02 4.81 -20.25
CA TYR A 25 16.07 5.43 -21.16
C TYR A 25 16.62 5.33 -22.54
N SER A 26 15.72 5.28 -23.51
CA SER A 26 15.95 5.69 -24.89
C SER A 26 15.11 6.89 -25.22
N SER A 27 15.66 7.75 -26.07
CA SER A 27 14.96 8.93 -26.53
C SER A 27 15.54 9.40 -27.85
N SER A 28 14.67 9.52 -28.84
CA SER A 28 15.00 10.12 -30.13
C SER A 28 15.50 11.54 -29.98
N VAL A 29 15.02 12.22 -28.92
CA VAL A 29 15.26 13.68 -28.65
C VAL A 29 15.84 13.92 -27.23
N PRO A 30 16.34 15.15 -26.93
CA PRO A 30 16.99 15.27 -25.62
C PRO A 30 16.06 14.92 -24.47
N PRO A 31 16.48 14.01 -23.57
CA PRO A 31 15.60 13.60 -22.54
C PRO A 31 15.56 14.52 -21.30
N TYR A 32 14.42 14.52 -20.64
CA TYR A 32 14.26 15.09 -19.32
C TYR A 32 13.77 13.98 -18.36
N LEU A 33 14.51 13.79 -17.29
CA LEU A 33 14.30 12.67 -16.43
C LEU A 33 13.83 13.03 -15.04
N PHE A 34 13.26 12.04 -14.38
CA PHE A 34 12.35 12.28 -13.23
C PHE A 34 12.31 11.12 -12.34
N TRP A 35 12.49 11.29 -11.04
CA TRP A 35 12.25 10.20 -10.14
C TRP A 35 11.08 10.58 -9.18
N TYR A 36 10.09 9.67 -9.08
CA TYR A 36 8.90 9.76 -8.27
C TYR A 36 8.94 8.66 -7.24
N VAL A 37 8.38 8.89 -6.06
CA VAL A 37 8.29 7.91 -5.01
C VAL A 37 6.85 7.86 -4.59
N GLN A 38 6.43 6.68 -4.16
CA GLN A 38 5.11 6.43 -3.74
C GLN A 38 5.15 5.66 -2.44
N TYR A 39 5.12 6.40 -1.31
CA TYR A 39 5.07 5.83 0.07
C TYR A 39 3.72 5.18 0.29
N PRO A 40 3.71 4.15 1.17
CA PRO A 40 2.54 3.33 1.49
C PRO A 40 1.17 3.88 1.25
N ASN A 41 0.67 4.70 2.11
CA ASN A 41 -0.70 5.12 1.91
C ASN A 41 -0.80 6.45 1.12
N GLN A 42 0.29 6.91 0.52
CA GLN A 42 0.38 8.25 -0.10
C GLN A 42 0.36 8.20 -1.65
N GLY A 43 0.28 9.41 -2.26
CA GLY A 43 0.38 9.63 -3.71
C GLY A 43 1.82 9.71 -4.25
N LEU A 44 1.94 9.90 -5.57
CA LEU A 44 3.23 10.11 -6.23
C LEU A 44 3.88 11.44 -5.90
N GLN A 45 5.11 11.43 -5.43
CA GLN A 45 5.81 12.66 -5.19
C GLN A 45 7.22 12.72 -5.75
N LEU A 46 7.54 13.89 -6.26
CA LEU A 46 8.76 14.10 -6.98
C LEU A 46 9.94 14.00 -6.07
N LEU A 47 10.93 13.20 -6.44
CA LEU A 47 12.17 13.17 -5.68
C LEU A 47 13.19 14.10 -6.29
N LEU A 48 13.33 14.06 -7.61
CA LEU A 48 14.30 14.84 -8.33
C LEU A 48 14.01 14.84 -9.78
N LYS A 49 14.63 15.79 -10.47
N LYS A 49 14.47 15.88 -10.48
CA LYS A 49 14.43 16.03 -11.88
CA LYS A 49 14.39 15.92 -11.94
C LYS A 49 15.77 16.39 -12.52
C LYS A 49 15.70 16.43 -12.55
N TYR A 50 16.03 15.90 -13.73
CA TYR A 50 17.22 16.30 -14.53
C TYR A 50 16.73 17.23 -15.65
N THR A 51 17.27 18.41 -15.63
CA THR A 51 17.07 19.44 -16.64
C THR A 51 18.49 19.51 -17.25
N SER A 52 18.77 20.29 -18.27
CA SER A 52 20.13 20.19 -18.86
C SER A 52 21.20 21.01 -18.11
N ALA A 53 21.01 21.14 -16.79
CA ALA A 53 21.61 22.18 -15.94
C ALA A 53 22.79 21.67 -15.12
N ALA A 54 22.70 20.41 -14.67
CA ALA A 54 23.81 19.67 -14.02
C ALA A 54 23.61 18.15 -14.02
N THR A 55 24.73 17.48 -13.85
CA THR A 55 24.87 16.05 -14.07
C THR A 55 24.48 15.26 -12.80
N LEU A 56 25.09 15.61 -11.70
CA LEU A 56 24.75 15.02 -10.45
C LEU A 56 23.67 15.91 -9.89
N VAL A 57 22.52 15.32 -9.60
CA VAL A 57 21.31 16.02 -9.24
C VAL A 57 20.90 15.56 -7.85
N LYS A 58 20.87 16.45 -6.90
CA LYS A 58 20.46 16.11 -5.53
C LYS A 58 18.95 16.28 -5.35
N GLY A 59 18.31 15.36 -4.66
CA GLY A 59 16.87 15.38 -4.56
C GLY A 59 16.44 15.38 -3.14
N ILE A 60 15.17 15.11 -2.91
CA ILE A 60 14.66 15.05 -1.54
C ILE A 60 15.01 13.71 -0.82
N ASN A 61 14.87 13.73 0.51
CA ASN A 61 15.07 12.53 1.34
C ASN A 61 16.50 11.89 1.19
N GLY A 62 17.49 12.69 0.78
CA GLY A 62 18.87 12.26 0.71
C GLY A 62 19.13 11.39 -0.49
N PHE A 63 18.35 11.52 -1.53
CA PHE A 63 18.63 10.87 -2.76
C PHE A 63 19.44 11.76 -3.74
N GLU A 64 20.22 11.09 -4.58
CA GLU A 64 21.07 11.66 -5.59
C GLU A 64 20.96 10.82 -6.83
N ALA A 65 21.21 11.36 -7.99
CA ALA A 65 21.18 10.53 -9.18
C ALA A 65 22.03 11.20 -10.23
N GLU A 66 22.80 10.40 -10.96
CA GLU A 66 23.74 10.90 -11.93
C GLU A 66 23.19 10.64 -13.29
N PHE A 67 23.15 11.67 -14.11
CA PHE A 67 22.70 11.51 -15.45
C PHE A 67 23.94 11.22 -16.33
N LYS A 68 23.94 10.07 -17.00
CA LYS A 68 25.05 9.65 -17.92
C LYS A 68 24.54 9.43 -19.29
N LYS A 69 24.88 10.35 -20.19
CA LYS A 69 24.47 10.27 -21.56
C LYS A 69 25.04 9.04 -22.22
N SER A 70 26.30 8.74 -21.93
CA SER A 70 27.01 7.75 -22.69
C SER A 70 26.52 6.33 -22.33
N GLU A 71 25.78 6.21 -21.25
CA GLU A 71 25.17 4.96 -20.79
C GLU A 71 23.67 4.97 -20.73
N THR A 72 23.03 6.06 -21.14
CA THR A 72 21.60 6.16 -21.25
C THR A 72 20.90 5.83 -19.90
N SER A 73 21.56 6.24 -18.78
CA SER A 73 21.11 5.96 -17.42
C SER A 73 20.91 7.21 -16.52
N PHE A 74 20.06 7.08 -15.50
CA PHE A 74 19.83 8.10 -14.50
C PHE A 74 19.55 7.37 -13.20
N HIS A 75 20.58 6.71 -12.66
CA HIS A 75 20.36 5.86 -11.48
C HIS A 75 20.19 6.61 -10.17
N LEU A 76 19.32 6.15 -9.32
CA LEU A 76 19.00 6.80 -8.04
C LEU A 76 19.76 6.10 -6.88
N THR A 77 20.55 6.87 -6.15
CA THR A 77 21.33 6.37 -5.01
C THR A 77 21.05 7.16 -3.73
N LYS A 78 21.34 6.49 -2.63
CA LYS A 78 21.37 7.07 -1.32
C LYS A 78 22.34 6.19 -0.50
N PRO A 79 23.29 6.76 0.22
CA PRO A 79 24.27 5.90 0.89
C PRO A 79 23.78 5.03 2.05
N SER A 80 22.70 5.40 2.67
CA SER A 80 22.30 4.77 3.89
C SER A 80 20.81 4.68 3.88
N ALA A 81 20.30 3.45 3.83
CA ALA A 81 18.90 3.20 3.76
C ALA A 81 18.31 3.28 5.16
N HIS A 82 17.14 3.91 5.26
CA HIS A 82 16.34 4.06 6.47
C HIS A 82 15.10 3.26 6.28
N MET A 83 14.51 2.76 7.33
CA MET A 83 13.18 2.11 7.24
C MET A 83 12.14 2.91 6.49
N SER A 84 12.14 4.22 6.70
CA SER A 84 11.20 5.08 6.00
C SER A 84 11.42 5.13 4.49
N ASP A 85 12.53 4.64 4.01
CA ASP A 85 12.69 4.49 2.55
C ASP A 85 11.89 3.41 1.80
N ALA A 86 11.24 2.50 2.51
CA ALA A 86 10.35 1.50 1.91
C ALA A 86 9.22 2.15 1.13
N ALA A 87 9.08 1.80 -0.15
CA ALA A 87 8.17 2.50 -1.08
C ALA A 87 8.37 1.99 -2.50
N GLU A 88 7.55 2.38 -3.42
CA GLU A 88 7.76 2.17 -4.78
C GLU A 88 8.37 3.39 -5.49
N TYR A 89 9.41 3.18 -6.32
CA TYR A 89 10.09 4.28 -7.03
C TYR A 89 9.94 4.16 -8.53
N PHE A 90 9.66 5.28 -9.19
CA PHE A 90 9.27 5.32 -10.57
C PHE A 90 10.11 6.38 -11.23
N CYS A 91 10.68 5.98 -12.35
CA CYS A 91 11.58 6.75 -13.19
C CYS A 91 10.70 7.26 -14.32
N ALA A 92 10.99 8.44 -14.86
CA ALA A 92 10.15 8.95 -15.98
C ALA A 92 10.93 9.84 -16.91
N VAL A 93 10.47 9.91 -18.14
CA VAL A 93 11.14 10.65 -19.18
C VAL A 93 10.09 11.52 -19.86
N SER A 94 10.52 12.72 -20.30
CA SER A 94 9.69 13.65 -21.04
C SER A 94 10.55 14.34 -22.07
N GLU A 95 9.91 14.91 -23.08
CA GLU A 95 10.51 15.91 -23.96
C GLU A 95 10.45 17.43 -23.40
N SER A 96 9.88 17.69 -22.22
CA SER A 96 9.89 19.11 -21.65
C SER A 96 10.81 19.19 -20.43
N PRO A 97 11.64 20.27 -20.36
CA PRO A 97 12.52 20.47 -19.17
C PRO A 97 11.77 20.46 -17.84
N PHE A 98 10.54 20.99 -17.87
CA PHE A 98 9.74 21.20 -16.66
C PHE A 98 8.87 19.96 -16.30
N GLY A 99 8.49 19.17 -17.30
CA GLY A 99 7.61 18.00 -17.13
C GLY A 99 6.16 18.27 -17.54
N ASN A 100 5.90 19.45 -18.15
CA ASN A 100 4.61 19.84 -18.78
C ASN A 100 3.98 18.82 -19.76
N GLU A 101 4.79 18.24 -20.68
CA GLU A 101 4.35 17.22 -21.71
C GLU A 101 4.32 15.84 -21.07
N LYS A 102 3.62 14.93 -21.74
CA LYS A 102 3.49 13.52 -21.31
C LYS A 102 4.76 12.84 -20.76
N LEU A 103 4.72 12.51 -19.47
CA LEU A 103 5.70 11.62 -18.90
C LEU A 103 5.34 10.19 -19.25
N THR A 104 6.37 9.44 -19.61
CA THR A 104 6.32 8.05 -19.85
C THR A 104 7.03 7.49 -18.67
N PHE A 105 6.39 6.60 -17.94
CA PHE A 105 6.99 6.03 -16.76
C PHE A 105 7.52 4.61 -17.02
N GLY A 106 8.48 4.21 -16.21
CA GLY A 106 8.97 2.83 -16.19
C GLY A 106 8.09 1.98 -15.30
N THR A 107 8.54 0.78 -14.97
CA THR A 107 7.71 -0.25 -14.29
C THR A 107 7.77 -0.25 -12.79
N GLY A 108 8.71 0.41 -12.21
CA GLY A 108 8.75 0.61 -10.82
C GLY A 108 9.56 -0.40 -10.10
N THR A 109 10.21 0.04 -9.05
CA THR A 109 10.94 -0.80 -8.16
C THR A 109 10.40 -0.65 -6.74
N ARG A 110 9.89 -1.75 -6.16
N ARG A 110 9.96 -1.76 -6.16
CA ARG A 110 9.54 -1.70 -4.74
CA ARG A 110 9.58 -1.77 -4.79
C ARG A 110 10.82 -1.92 -3.97
C ARG A 110 10.87 -1.91 -4.00
N LEU A 111 11.08 -1.04 -3.02
CA LEU A 111 12.23 -1.08 -2.15
C LEU A 111 11.80 -1.55 -0.82
N THR A 112 12.48 -2.52 -0.24
CA THR A 112 12.18 -3.04 1.11
C THR A 112 13.46 -3.00 1.91
N ILE A 113 13.35 -2.73 3.19
CA ILE A 113 14.50 -2.51 4.02
C ILE A 113 14.39 -3.50 5.09
N ILE A 114 15.49 -4.13 5.41
CA ILE A 114 15.45 -5.25 6.34
C ILE A 114 16.01 -4.61 7.59
N PRO A 115 15.26 -4.67 8.67
CA PRO A 115 15.68 -4.02 9.92
C PRO A 115 16.83 -4.74 10.61
N ASN A 116 17.72 -3.97 11.26
CA ASN A 116 18.77 -4.54 12.09
C ASN A 116 18.30 -4.78 13.53
N ILE A 117 17.74 -5.96 13.78
CA ILE A 117 17.17 -6.29 15.08
C ILE A 117 18.31 -6.44 16.09
N GLN A 118 18.13 -5.67 17.17
CA GLN A 118 19.21 -5.12 17.98
C GLN A 118 19.69 -6.17 18.98
N ASN A 119 18.73 -6.69 19.77
CA ASN A 119 18.93 -7.76 20.76
C ASN A 119 17.70 -8.68 20.72
N PRO A 120 17.77 -9.79 19.95
CA PRO A 120 16.62 -10.69 19.74
C PRO A 120 16.45 -11.81 20.75
N ASP A 121 15.28 -11.92 21.41
CA ASP A 121 14.80 -13.24 21.93
C ASP A 121 13.46 -13.60 21.31
N PRO A 122 13.47 -14.54 20.36
CA PRO A 122 12.22 -14.99 19.79
C PRO A 122 11.30 -15.70 20.81
N ALA A 123 10.02 -15.75 20.48
CA ALA A 123 9.00 -16.29 21.36
C ALA A 123 7.72 -16.49 20.59
N VAL A 124 6.94 -17.49 21.01
CA VAL A 124 5.57 -17.70 20.54
C VAL A 124 4.65 -17.45 21.74
N TYR A 125 3.61 -16.65 21.53
CA TYR A 125 2.69 -16.26 22.58
C TYR A 125 1.29 -16.54 22.08
N GLN A 126 0.39 -16.76 23.03
CA GLN A 126 -1.01 -16.94 22.75
C GLN A 126 -1.72 -15.71 23.28
N LEU A 127 -2.63 -15.18 22.48
CA LEU A 127 -3.30 -13.94 22.80
C LEU A 127 -4.78 -14.26 23.08
N ARG A 128 -5.29 -13.77 24.21
CA ARG A 128 -6.70 -13.96 24.52
C ARG A 128 -7.59 -13.25 23.47
N ASP A 129 -8.35 -14.05 22.73
CA ASP A 129 -9.59 -13.62 22.04
C ASP A 129 -10.48 -12.79 22.97
N SER A 130 -10.75 -11.53 22.61
CA SER A 130 -11.43 -10.59 23.52
C SER A 130 -12.93 -10.88 23.81
N LYS A 131 -13.49 -11.95 23.20
CA LYS A 131 -14.90 -12.35 23.38
C LYS A 131 -14.97 -13.88 23.69
N SER A 132 -16.13 -14.49 23.48
CA SER A 132 -16.29 -15.96 23.56
C SER A 132 -16.40 -16.63 22.16
N SER A 133 -15.38 -16.39 21.32
CA SER A 133 -15.14 -17.17 20.09
C SER A 133 -13.76 -17.82 20.25
N ASP A 134 -13.68 -19.00 20.89
CA ASP A 134 -12.37 -19.58 21.34
C ASP A 134 -11.46 -20.01 20.18
N LYS A 135 -11.17 -19.00 19.36
CA LYS A 135 -10.32 -19.06 18.22
C LYS A 135 -9.30 -18.07 18.73
N SER A 136 -8.24 -18.59 19.29
CA SER A 136 -7.17 -17.74 19.78
C SER A 136 -6.31 -17.43 18.57
N VAL A 137 -5.43 -16.44 18.72
CA VAL A 137 -4.33 -16.25 17.79
C VAL A 137 -3.00 -16.41 18.51
N CYS A 138 -2.01 -16.78 17.74
CA CYS A 138 -0.69 -17.02 18.27
C CYS A 138 0.23 -16.03 17.59
N LEU A 139 1.24 -15.55 18.28
CA LEU A 139 2.05 -14.45 17.78
C LEU A 139 3.48 -14.80 17.87
N PHE A 140 4.12 -15.02 16.73
CA PHE A 140 5.56 -15.22 16.70
C PHE A 140 6.19 -13.85 16.58
N THR A 141 7.02 -13.49 17.56
CA THR A 141 7.58 -12.16 17.66
C THR A 141 9.00 -12.11 18.18
N ASP A 142 9.65 -10.98 17.92
CA ASP A 142 11.04 -10.67 18.37
C ASP A 142 12.15 -11.55 17.76
N PHE A 143 11.91 -12.06 16.56
CA PHE A 143 12.91 -12.88 15.85
C PHE A 143 13.80 -11.98 15.01
N ASP A 144 15.01 -12.46 14.79
CA ASP A 144 15.99 -11.78 13.97
C ASP A 144 15.48 -11.78 12.53
N SER A 145 15.87 -10.77 11.75
CA SER A 145 15.49 -10.69 10.33
C SER A 145 15.90 -11.87 9.46
N GLN A 146 16.96 -12.61 9.85
CA GLN A 146 17.37 -13.90 9.22
C GLN A 146 16.17 -14.81 9.03
N THR A 147 15.48 -15.08 10.13
CA THR A 147 14.29 -15.96 10.13
C THR A 147 13.22 -15.50 9.13
N ASN A 148 12.68 -16.47 8.37
CA ASN A 148 11.55 -16.24 7.47
C ASN A 148 10.41 -17.15 7.89
N VAL A 149 9.20 -16.64 7.82
CA VAL A 149 8.01 -17.43 8.11
C VAL A 149 7.54 -18.11 6.83
N SER A 150 6.91 -19.27 6.98
CA SER A 150 6.46 -20.04 5.82
C SER A 150 4.95 -20.28 5.91
N GLN A 151 4.29 -20.40 4.75
CA GLN A 151 2.83 -20.57 4.74
C GLN A 151 2.45 -21.87 5.43
N SER A 152 1.16 -22.06 5.65
CA SER A 152 0.65 -23.34 6.14
C SER A 152 0.59 -24.36 4.99
N LYS A 153 0.51 -25.64 5.33
CA LYS A 153 0.03 -26.64 4.39
C LYS A 153 -1.46 -26.85 4.71
N ASP A 154 -1.76 -27.13 5.99
CA ASP A 154 -3.14 -27.41 6.43
C ASP A 154 -3.89 -26.08 6.49
N SER A 155 -4.85 -25.89 5.58
CA SER A 155 -5.57 -24.63 5.41
C SER A 155 -7.01 -24.66 5.98
N ASP A 156 -7.11 -25.08 7.23
CA ASP A 156 -8.05 -24.47 8.14
C ASP A 156 -7.25 -23.46 8.99
N VAL A 157 -5.92 -23.43 8.82
CA VAL A 157 -5.02 -22.56 9.57
C VAL A 157 -4.41 -21.44 8.71
N TYR A 158 -4.35 -20.23 9.27
CA TYR A 158 -4.02 -19.00 8.56
C TYR A 158 -2.79 -18.40 9.18
N ILE A 159 -1.71 -18.23 8.41
CA ILE A 159 -0.54 -17.54 8.92
C ILE A 159 -0.19 -16.34 8.02
N THR A 160 0.28 -15.25 8.62
CA THR A 160 0.64 -14.03 7.87
C THR A 160 2.15 -13.87 7.79
N ASP A 161 2.65 -13.22 6.75
CA ASP A 161 4.10 -13.02 6.62
C ASP A 161 4.69 -12.16 7.74
N LYS A 162 6.00 -12.23 7.92
CA LYS A 162 6.67 -11.41 8.91
C LYS A 162 6.48 -9.92 8.63
N CYS A 163 6.44 -9.15 9.70
CA CYS A 163 6.15 -7.73 9.61
C CYS A 163 7.13 -6.99 10.53
N VAL A 164 7.45 -5.72 10.27
CA VAL A 164 8.32 -4.91 11.15
C VAL A 164 7.61 -3.73 11.84
N LEU A 165 7.77 -3.57 13.14
CA LEU A 165 7.21 -2.37 13.78
C LEU A 165 8.24 -1.65 14.61
N ASP A 166 8.16 -0.32 14.56
CA ASP A 166 9.12 0.57 15.19
C ASP A 166 8.38 1.34 16.28
N MET A 167 8.81 1.21 17.54
CA MET A 167 8.29 2.06 18.67
C MET A 167 9.22 3.26 18.92
N ARG A 168 9.03 4.33 18.14
CA ARG A 168 10.07 5.38 17.94
C ARG A 168 10.69 6.02 19.20
N SER A 169 9.89 6.23 20.25
CA SER A 169 10.41 6.80 21.52
C SER A 169 11.37 5.87 22.30
N MET A 170 11.12 4.55 22.25
CA MET A 170 12.02 3.55 22.86
C MET A 170 13.17 3.09 21.92
N ASP A 171 13.23 3.61 20.69
CA ASP A 171 14.30 3.28 19.71
C ASP A 171 14.40 1.75 19.47
N PHE A 172 13.24 1.16 19.20
CA PHE A 172 13.06 -0.28 19.27
C PHE A 172 12.26 -0.70 18.04
N LYS A 173 12.83 -1.64 17.32
CA LYS A 173 12.16 -2.36 16.25
C LYS A 173 12.01 -3.85 16.61
N SER A 174 10.94 -4.46 16.12
CA SER A 174 10.69 -5.88 16.31
C SER A 174 9.85 -6.48 15.21
N ASN A 175 10.21 -7.68 14.76
CA ASN A 175 9.44 -8.44 13.75
C ASN A 175 8.32 -9.24 14.35
N SER A 176 7.22 -9.40 13.64
CA SER A 176 6.16 -10.25 14.10
C SER A 176 5.50 -11.00 12.97
N ALA A 177 4.99 -12.20 13.25
CA ALA A 177 3.97 -12.86 12.41
C ALA A 177 2.85 -13.46 13.26
N VAL A 178 1.68 -13.60 12.69
CA VAL A 178 0.48 -14.04 13.42
C VAL A 178 -0.02 -15.33 12.74
N ALA A 179 -0.33 -16.33 13.55
CA ALA A 179 -1.02 -17.54 13.12
C ALA A 179 -2.36 -17.58 13.83
N TRP A 180 -3.42 -18.05 13.18
CA TRP A 180 -4.71 -18.30 13.88
C TRP A 180 -5.56 -19.39 13.26
N SER A 181 -6.49 -19.91 14.06
CA SER A 181 -7.48 -20.87 13.58
C SER A 181 -8.74 -20.90 14.43
N ASN A 182 -9.81 -21.45 13.83
CA ASN A 182 -11.04 -21.79 14.55
C ASN A 182 -11.03 -23.22 15.11
N LYS A 183 -10.04 -24.03 14.73
CA LYS A 183 -9.95 -25.43 15.14
C LYS A 183 -9.59 -25.52 16.62
N SER A 184 -10.36 -26.29 17.36
CA SER A 184 -10.18 -26.45 18.79
C SER A 184 -8.95 -27.27 19.18
N ASP A 185 -8.40 -28.06 18.24
CA ASP A 185 -7.10 -28.76 18.46
C ASP A 185 -5.85 -27.93 18.10
N PHE A 186 -6.06 -26.69 17.65
CA PHE A 186 -4.95 -25.84 17.23
C PHE A 186 -4.20 -25.28 18.44
N ALA A 187 -3.06 -25.87 18.73
CA ALA A 187 -2.16 -25.36 19.76
C ALA A 187 -1.25 -24.29 19.15
N CYS A 188 -1.03 -23.21 19.91
CA CYS A 188 -0.03 -22.18 19.59
C CYS A 188 1.38 -22.74 19.65
N ALA A 189 1.64 -23.53 20.70
CA ALA A 189 2.88 -24.30 20.84
C ALA A 189 3.30 -25.04 19.56
N ASN A 190 2.33 -25.39 18.72
CA ASN A 190 2.61 -25.93 17.39
C ASN A 190 1.69 -25.35 16.30
N ALA A 191 1.77 -24.02 16.14
CA ALA A 191 1.71 -23.37 14.82
C ALA A 191 3.18 -23.13 14.43
N PHE A 192 3.47 -22.48 13.31
CA PHE A 192 4.86 -22.03 13.02
C PHE A 192 5.95 -23.13 13.04
N ASN A 193 5.72 -24.29 12.45
CA ASN A 193 6.78 -25.31 12.42
C ASN A 193 7.66 -25.17 11.15
N ASN A 194 8.34 -24.02 10.96
CA ASN A 194 9.13 -23.78 9.72
C ASN A 194 10.23 -22.73 9.87
N SER A 195 11.50 -23.13 9.75
CA SER A 195 12.66 -22.21 9.87
C SER A 195 12.61 -21.43 11.19
N ILE A 196 12.25 -22.11 12.28
CA ILE A 196 12.18 -21.50 13.63
C ILE A 196 13.58 -21.41 14.22
N ILE A 197 13.69 -21.03 15.49
CA ILE A 197 14.97 -20.95 16.19
C ILE A 197 14.83 -21.92 17.38
N PRO A 198 15.93 -22.57 17.83
CA PRO A 198 15.78 -23.41 19.06
C PRO A 198 15.41 -22.67 20.36
N GLU A 199 15.83 -21.40 20.50
CA GLU A 199 15.74 -20.66 21.77
C GLU A 199 14.58 -19.64 21.86
N ASP A 200 13.35 -20.10 21.54
CA ASP A 200 12.13 -19.26 21.59
C ASP A 200 11.37 -19.59 22.87
N THR A 201 10.93 -18.59 23.67
CA THR A 201 10.14 -18.91 24.89
C THR A 201 8.69 -19.28 24.55
N PHE A 202 7.93 -19.71 25.56
CA PHE A 202 6.54 -20.21 25.40
C PHE A 202 5.69 -19.90 26.64
N VAL B 1 -4.31 24.33 -5.47
CA VAL B 1 -3.35 23.47 -6.22
C VAL B 1 -3.59 22.00 -5.80
N LYS B 2 -4.63 21.41 -6.37
CA LYS B 2 -4.94 20.02 -6.12
C LYS B 2 -5.76 19.47 -7.26
N VAL B 3 -5.66 18.17 -7.38
CA VAL B 3 -6.35 17.42 -8.36
C VAL B 3 -7.07 16.39 -7.56
N THR B 4 -8.40 16.38 -7.64
CA THR B 4 -9.20 15.42 -6.87
C THR B 4 -9.89 14.50 -7.87
N GLN B 5 -9.95 13.23 -7.54
CA GLN B 5 -10.73 12.29 -8.31
C GLN B 5 -12.03 12.09 -7.54
N SER B 6 -13.10 11.92 -8.29
CA SER B 6 -14.46 11.83 -7.74
C SER B 6 -14.67 10.71 -6.74
N SER B 7 -14.09 9.53 -6.99
CA SER B 7 -14.23 8.38 -6.11
C SER B 7 -12.82 7.85 -5.76
N ARG B 8 -12.62 7.44 -4.52
CA ARG B 8 -11.33 6.93 -4.07
C ARG B 8 -11.25 5.42 -4.20
N TYR B 9 -12.39 4.73 -4.05
CA TYR B 9 -12.53 3.30 -4.36
C TYR B 9 -13.84 3.06 -5.07
N LEU B 10 -13.94 1.92 -5.74
CA LEU B 10 -15.19 1.57 -6.41
C LEU B 10 -15.26 0.09 -6.74
N VAL B 11 -16.44 -0.51 -6.49
CA VAL B 11 -16.74 -1.88 -7.02
C VAL B 11 -17.68 -1.81 -8.22
N LYS B 12 -17.44 -2.61 -9.26
CA LYS B 12 -18.35 -2.65 -10.41
C LYS B 12 -18.44 -4.06 -10.98
N ARG B 13 -19.64 -4.37 -11.47
CA ARG B 13 -19.94 -5.67 -12.05
C ARG B 13 -19.41 -5.67 -13.47
N THR B 14 -18.79 -6.77 -13.87
CA THR B 14 -18.36 -7.00 -15.24
C THR B 14 -19.47 -6.63 -16.23
N GLY B 15 -19.09 -5.81 -17.21
CA GLY B 15 -19.98 -5.34 -18.26
C GLY B 15 -20.63 -4.00 -18.00
N GLU B 16 -20.52 -3.49 -16.77
CA GLU B 16 -21.11 -2.19 -16.42
C GLU B 16 -20.19 -1.06 -16.86
N LYS B 17 -20.82 -0.01 -17.38
CA LYS B 17 -20.12 1.14 -17.96
C LYS B 17 -19.81 2.08 -16.81
N VAL B 18 -18.55 2.52 -16.72
CA VAL B 18 -18.05 3.23 -15.54
C VAL B 18 -17.46 4.57 -15.94
N PHE B 19 -17.72 5.57 -15.08
CA PHE B 19 -17.31 6.96 -15.27
C PHE B 19 -16.38 7.36 -14.12
N LEU B 20 -15.09 7.49 -14.40
CA LEU B 20 -14.13 8.03 -13.44
C LEU B 20 -13.93 9.46 -13.82
N GLU B 21 -13.73 10.26 -12.80
CA GLU B 21 -13.92 11.65 -12.92
C GLU B 21 -12.76 12.34 -12.27
N CYS B 22 -12.15 13.28 -12.99
CA CYS B 22 -10.95 13.98 -12.53
C CYS B 22 -11.17 15.45 -12.66
N VAL B 23 -10.86 16.17 -11.58
CA VAL B 23 -11.10 17.61 -11.44
C VAL B 23 -9.87 18.25 -10.86
N GLN B 24 -9.51 19.41 -11.41
CA GLN B 24 -8.42 20.28 -10.94
C GLN B 24 -8.91 21.72 -10.86
N ASP B 25 -8.27 22.50 -9.98
CA ASP B 25 -8.66 23.88 -9.63
C ASP B 25 -7.61 24.90 -10.13
N MET B 26 -6.62 24.43 -10.90
CA MET B 26 -5.47 25.27 -11.26
C MET B 26 -5.52 25.91 -12.64
N ASP B 27 -6.67 25.83 -13.34
CA ASP B 27 -6.77 26.28 -14.72
C ASP B 27 -5.77 25.49 -15.63
N HIS B 28 -5.35 24.30 -15.26
CA HIS B 28 -4.41 23.54 -16.13
C HIS B 28 -4.90 23.15 -17.55
N GLU B 29 -4.03 23.37 -18.57
CA GLU B 29 -4.36 22.96 -19.96
C GLU B 29 -4.33 21.42 -20.15
N ASN B 30 -3.48 20.71 -19.39
CA ASN B 30 -3.16 19.32 -19.67
C ASN B 30 -3.63 18.40 -18.61
N MET B 31 -4.38 17.38 -19.00
CA MET B 31 -4.84 16.41 -18.09
C MET B 31 -4.52 15.04 -18.70
N PHE B 32 -4.17 14.09 -17.85
CA PHE B 32 -3.68 12.78 -18.23
C PHE B 32 -4.43 11.75 -17.44
N TRP B 33 -4.88 10.65 -18.06
CA TRP B 33 -5.34 9.46 -17.27
C TRP B 33 -4.36 8.32 -17.39
N TYR B 34 -3.81 7.83 -16.28
CA TYR B 34 -2.95 6.64 -16.23
C TYR B 34 -3.60 5.52 -15.42
N ARG B 35 -3.18 4.27 -15.71
CA ARG B 35 -3.33 3.18 -14.77
C ARG B 35 -2.02 2.71 -14.27
N GLN B 36 -2.12 2.14 -13.07
CA GLN B 36 -1.01 1.65 -12.32
C GLN B 36 -1.31 0.24 -11.96
N ASP B 37 -0.39 -0.68 -12.29
CA ASP B 37 -0.58 -2.11 -11.99
C ASP B 37 0.65 -2.79 -11.44
N PRO B 38 0.42 -3.74 -10.52
CA PRO B 38 1.60 -4.35 -9.98
C PRO B 38 2.48 -4.92 -11.13
N GLY B 39 3.70 -4.38 -11.29
CA GLY B 39 4.70 -4.97 -12.22
C GLY B 39 4.86 -4.21 -13.52
N LEU B 40 3.88 -3.37 -13.88
CA LEU B 40 3.87 -2.69 -15.19
C LEU B 40 3.88 -1.17 -15.04
N GLY B 41 4.21 -0.72 -13.82
CA GLY B 41 4.33 0.71 -13.49
C GLY B 41 3.06 1.44 -13.82
N LEU B 42 3.20 2.58 -14.47
CA LEU B 42 2.10 3.45 -14.83
C LEU B 42 2.09 3.55 -16.29
N ARG B 43 0.90 3.48 -16.84
CA ARG B 43 0.71 3.45 -18.26
C ARG B 43 -0.40 4.45 -18.61
N LEU B 44 -0.12 5.21 -19.67
CA LEU B 44 -0.95 6.34 -20.07
C LEU B 44 -2.03 5.85 -20.99
N ILE B 45 -3.27 6.10 -20.61
CA ILE B 45 -4.41 5.70 -21.35
C ILE B 45 -4.83 6.74 -22.39
N TYR B 46 -5.14 7.95 -21.91
CA TYR B 46 -5.58 9.05 -22.73
C TYR B 46 -5.02 10.33 -22.14
N PHE B 47 -4.88 11.34 -22.97
CA PHE B 47 -4.51 12.64 -22.47
C PHE B 47 -5.17 13.73 -23.29
N SER B 48 -5.12 14.95 -22.76
CA SER B 48 -5.83 16.11 -23.32
C SER B 48 -5.01 17.39 -23.06
N TYR B 49 -4.78 18.20 -24.10
CA TYR B 49 -3.85 19.37 -24.08
C TYR B 49 -4.61 20.70 -24.19
N ASP B 50 -5.94 20.65 -24.20
CA ASP B 50 -6.82 21.81 -24.27
C ASP B 50 -8.24 21.29 -24.04
N VAL B 51 -9.23 22.19 -24.01
CA VAL B 51 -10.63 21.78 -23.86
C VAL B 51 -11.07 21.13 -25.16
N LYS B 52 -11.86 20.09 -25.05
CA LYS B 52 -12.42 19.35 -26.17
C LYS B 52 -11.38 18.66 -27.04
N MET B 53 -10.17 18.48 -26.51
CA MET B 53 -9.11 17.76 -27.20
C MET B 53 -8.85 16.46 -26.46
N LYS B 54 -8.56 15.39 -27.19
CA LYS B 54 -8.08 14.14 -26.62
C LYS B 54 -6.96 13.62 -27.50
N GLU B 55 -6.08 12.85 -26.91
CA GLU B 55 -5.22 11.96 -27.64
C GLU B 55 -5.05 10.67 -26.86
N LYS B 56 -5.08 9.58 -27.59
CA LYS B 56 -4.90 8.25 -27.06
C LYS B 56 -3.51 8.11 -26.52
N GLY B 57 -3.35 7.43 -25.40
CA GLY B 57 -2.03 7.18 -24.87
C GLY B 57 -1.45 5.88 -25.44
N ASP B 58 -0.66 5.20 -24.61
CA ASP B 58 -0.12 3.86 -24.92
C ASP B 58 -1.15 2.71 -24.88
N ILE B 59 -2.12 2.77 -23.97
CA ILE B 59 -3.16 1.73 -23.83
C ILE B 59 -4.58 2.30 -23.83
N PRO B 60 -4.99 2.91 -24.94
CA PRO B 60 -6.34 3.43 -25.03
C PRO B 60 -7.44 2.41 -25.18
N GLU B 61 -7.08 1.16 -25.48
CA GLU B 61 -8.02 0.15 -25.96
C GLU B 61 -9.00 -0.17 -24.84
N GLY B 62 -10.29 -0.11 -25.13
CA GLY B 62 -11.35 -0.27 -24.12
C GLY B 62 -11.77 0.97 -23.32
N TYR B 63 -11.05 2.10 -23.44
CA TYR B 63 -11.41 3.34 -22.69
C TYR B 63 -11.80 4.48 -23.61
N SER B 64 -12.57 5.37 -23.04
CA SER B 64 -13.02 6.58 -23.71
C SER B 64 -12.95 7.77 -22.73
N VAL B 65 -12.97 8.96 -23.25
CA VAL B 65 -12.57 10.08 -22.46
C VAL B 65 -13.31 11.30 -22.96
N SER B 66 -13.58 12.22 -22.04
CA SER B 66 -14.25 13.47 -22.36
C SER B 66 -13.59 14.65 -21.61
N ARG B 67 -13.21 15.66 -22.35
CA ARG B 67 -12.73 16.94 -21.80
C ARG B 67 -13.75 17.95 -22.30
N GLU B 68 -14.64 18.30 -21.39
CA GLU B 68 -15.90 19.00 -21.67
C GLU B 68 -15.73 20.49 -21.25
N LYS B 69 -15.25 20.63 -20.01
CA LYS B 69 -14.90 21.87 -19.36
C LYS B 69 -13.40 21.80 -19.17
N LYS B 70 -12.73 22.94 -18.95
CA LYS B 70 -11.28 22.91 -18.75
C LYS B 70 -10.88 22.26 -17.44
N GLU B 71 -11.70 22.42 -16.42
CA GLU B 71 -11.52 21.79 -15.08
C GLU B 71 -11.61 20.25 -15.00
N ARG B 72 -12.40 19.61 -15.85
CA ARG B 72 -12.81 18.20 -15.67
C ARG B 72 -12.33 17.25 -16.79
N PHE B 73 -11.85 16.06 -16.43
CA PHE B 73 -11.41 15.06 -17.44
C PHE B 73 -11.96 13.67 -17.10
N SER B 74 -13.01 13.28 -17.80
CA SER B 74 -13.74 12.06 -17.47
C SER B 74 -13.18 10.84 -18.22
N LEU B 75 -12.85 9.78 -17.49
CA LEU B 75 -12.43 8.51 -18.05
C LEU B 75 -13.62 7.56 -17.99
N ILE B 76 -13.91 6.91 -19.12
CA ILE B 76 -15.08 6.06 -19.27
C ILE B 76 -14.65 4.68 -19.71
N LEU B 77 -15.01 3.66 -18.93
CA LEU B 77 -14.85 2.26 -19.34
C LEU B 77 -16.17 1.88 -19.94
N GLU B 78 -16.15 1.45 -21.20
CA GLU B 78 -17.39 1.12 -21.93
C GLU B 78 -18.04 -0.10 -21.27
N SER B 79 -17.21 -1.12 -21.01
CA SER B 79 -17.67 -2.40 -20.43
C SER B 79 -16.58 -2.98 -19.52
N ALA B 80 -16.75 -2.79 -18.21
CA ALA B 80 -15.79 -3.27 -17.23
C ALA B 80 -15.43 -4.72 -17.49
N SER B 81 -14.17 -4.98 -17.80
CA SER B 81 -13.55 -6.31 -17.72
C SER B 81 -12.79 -6.35 -16.43
N THR B 82 -12.50 -7.55 -15.97
CA THR B 82 -11.70 -7.71 -14.79
C THR B 82 -10.21 -7.40 -15.09
N ASN B 83 -9.77 -7.20 -16.33
CA ASN B 83 -8.43 -6.62 -16.46
C ASN B 83 -8.42 -5.08 -16.57
N GLN B 84 -9.60 -4.46 -16.58
CA GLN B 84 -9.77 -3.07 -16.19
C GLN B 84 -9.69 -2.86 -14.67
N THR B 85 -9.56 -3.92 -13.87
CA THR B 85 -9.33 -3.83 -12.42
C THR B 85 -7.95 -3.22 -12.22
N SER B 86 -7.86 -2.12 -11.51
CA SER B 86 -6.63 -1.34 -11.44
C SER B 86 -6.81 -0.14 -10.53
N MET B 87 -5.68 0.55 -10.32
CA MET B 87 -5.62 1.85 -9.69
C MET B 87 -5.52 2.85 -10.81
N TYR B 88 -6.49 3.72 -10.97
CA TYR B 88 -6.47 4.78 -11.97
C TYR B 88 -5.98 6.16 -11.42
N LEU B 89 -5.13 6.83 -12.19
CA LEU B 89 -4.38 7.98 -11.73
C LEU B 89 -4.49 9.13 -12.70
N CYS B 90 -4.95 10.25 -12.16
CA CYS B 90 -5.15 11.42 -12.91
C CYS B 90 -4.07 12.40 -12.59
N ALA B 91 -3.73 13.22 -13.57
CA ALA B 91 -2.71 14.17 -13.41
C ALA B 91 -2.98 15.33 -14.28
N SER B 92 -2.50 16.49 -13.83
CA SER B 92 -2.58 17.66 -14.65
C SER B 92 -1.27 18.47 -14.65
N SER B 93 -1.14 19.33 -15.65
CA SER B 93 -0.02 20.25 -15.76
C SER B 93 -0.36 21.47 -16.54
N SER B 94 0.39 22.50 -16.26
CA SER B 94 0.32 23.72 -17.04
C SER B 94 1.23 23.65 -18.28
N THR B 95 0.82 24.22 -19.41
CA THR B 95 1.71 24.38 -20.59
C THR B 95 2.96 25.27 -20.33
N GLY B 96 2.75 26.49 -19.84
CA GLY B 96 3.85 27.39 -19.61
C GLY B 96 4.53 27.35 -18.25
N LEU B 97 3.78 27.20 -17.16
CA LEU B 97 4.38 27.20 -15.83
C LEU B 97 5.37 26.06 -15.73
N PRO B 98 6.42 26.20 -14.93
CA PRO B 98 7.45 25.15 -14.90
C PRO B 98 7.31 24.12 -13.78
N TYR B 99 6.14 23.89 -13.27
CA TYR B 99 6.06 23.20 -12.01
C TYR B 99 5.81 21.72 -12.16
N GLY B 100 5.63 21.19 -13.37
CA GLY B 100 5.45 19.77 -13.54
C GLY B 100 4.03 19.36 -13.27
N TYR B 101 3.91 18.15 -12.77
CA TYR B 101 2.73 17.36 -12.88
C TYR B 101 2.14 17.39 -11.54
N THR B 102 0.87 17.65 -11.43
CA THR B 102 0.21 17.39 -10.19
C THR B 102 -0.59 16.12 -10.34
N PHE B 103 -0.54 15.29 -9.33
CA PHE B 103 -1.23 14.04 -9.34
C PHE B 103 -2.35 14.03 -8.37
N GLY B 104 -3.48 13.39 -8.73
CA GLY B 104 -4.51 12.96 -7.78
C GLY B 104 -4.11 11.78 -6.91
N SER B 105 -4.98 11.39 -5.99
CA SER B 105 -4.63 10.33 -5.06
C SER B 105 -5.03 8.92 -5.48
N GLY B 106 -5.60 8.73 -6.66
CA GLY B 106 -5.99 7.40 -7.13
C GLY B 106 -7.45 7.01 -6.92
N THR B 107 -7.94 6.22 -7.84
CA THR B 107 -9.17 5.51 -7.70
C THR B 107 -8.82 4.04 -7.85
N ARG B 108 -8.92 3.25 -6.77
CA ARG B 108 -8.93 1.78 -6.97
C ARG B 108 -10.28 1.30 -7.50
N LEU B 109 -10.25 0.64 -8.65
CA LEU B 109 -11.43 0.01 -9.22
C LEU B 109 -11.23 -1.51 -9.25
N THR B 110 -12.16 -2.22 -8.64
CA THR B 110 -12.20 -3.66 -8.73
C THR B 110 -13.45 -4.05 -9.48
N VAL B 111 -13.29 -4.80 -10.58
CA VAL B 111 -14.49 -5.35 -11.26
C VAL B 111 -14.69 -6.87 -10.96
N VAL B 112 -15.88 -7.24 -10.54
CA VAL B 112 -16.22 -8.64 -10.19
C VAL B 112 -17.40 -9.02 -11.04
N GLU B 113 -17.85 -10.28 -10.97
CA GLU B 113 -19.01 -10.71 -11.80
C GLU B 113 -20.36 -10.76 -11.05
N ASP B 114 -20.36 -10.43 -9.75
CA ASP B 114 -21.58 -10.45 -8.90
C ASP B 114 -21.47 -9.58 -7.63
N LEU B 115 -22.39 -8.63 -7.45
CA LEU B 115 -22.34 -7.66 -6.33
C LEU B 115 -22.83 -8.14 -4.92
N ASN B 116 -23.51 -9.30 -4.84
CA ASN B 116 -23.80 -10.00 -3.56
C ASN B 116 -22.54 -10.60 -2.86
N LYS B 117 -21.40 -10.69 -3.57
CA LYS B 117 -20.12 -11.20 -2.98
C LYS B 117 -19.35 -10.20 -2.09
N VAL B 118 -19.84 -8.99 -1.88
CA VAL B 118 -19.07 -7.98 -1.16
C VAL B 118 -19.55 -7.90 0.28
N PHE B 119 -18.63 -8.17 1.20
CA PHE B 119 -18.90 -8.31 2.63
C PHE B 119 -18.05 -7.28 3.30
N PRO B 120 -18.55 -6.62 4.35
CA PRO B 120 -17.67 -5.75 5.08
C PRO B 120 -17.00 -6.57 6.18
N PRO B 121 -15.88 -6.07 6.72
CA PRO B 121 -15.15 -6.88 7.68
C PRO B 121 -15.72 -6.79 9.10
N GLU B 122 -15.49 -7.86 9.87
CA GLU B 122 -15.64 -7.88 11.32
C GLU B 122 -14.25 -7.76 11.91
N VAL B 123 -14.19 -7.09 13.05
CA VAL B 123 -12.96 -6.62 13.61
C VAL B 123 -12.92 -7.08 15.07
N ALA B 124 -12.05 -8.06 15.32
CA ALA B 124 -11.75 -8.56 16.65
C ALA B 124 -10.38 -8.01 17.08
N VAL B 125 -10.27 -7.65 18.35
CA VAL B 125 -9.03 -7.22 18.94
C VAL B 125 -8.64 -8.26 19.97
N PHE B 126 -7.43 -8.77 19.82
CA PHE B 126 -6.85 -9.69 20.76
C PHE B 126 -5.87 -8.91 21.62
N GLU B 127 -5.83 -9.30 22.88
CA GLU B 127 -5.22 -8.53 23.94
C GLU B 127 -3.95 -9.26 24.35
N PRO B 128 -2.99 -8.52 24.88
CA PRO B 128 -1.64 -9.08 24.99
C PRO B 128 -1.57 -10.33 25.85
N SER B 129 -0.55 -11.14 25.62
CA SER B 129 -0.30 -12.33 26.43
C SER B 129 0.38 -11.89 27.73
N GLU B 130 -0.13 -12.42 28.83
CA GLU B 130 0.48 -12.23 30.17
C GLU B 130 2.00 -12.50 30.08
N ALA B 131 2.37 -13.48 29.26
CA ALA B 131 3.73 -13.98 29.16
C ALA B 131 4.68 -13.02 28.46
N GLU B 132 4.24 -12.39 27.38
CA GLU B 132 5.04 -11.32 26.75
C GLU B 132 5.32 -10.15 27.73
N ILE B 133 4.31 -9.71 28.45
CA ILE B 133 4.43 -8.61 29.40
C ILE B 133 5.58 -8.92 30.35
N SER B 134 5.52 -10.14 30.87
CA SER B 134 6.47 -10.63 31.81
C SER B 134 7.84 -10.75 31.22
N HIS B 135 7.98 -11.42 30.10
CA HIS B 135 9.31 -11.62 29.53
C HIS B 135 9.89 -10.33 28.95
N THR B 136 9.04 -9.44 28.42
CA THR B 136 9.49 -8.28 27.63
C THR B 136 9.27 -6.90 28.22
N GLN B 137 8.25 -6.74 29.05
CA GLN B 137 7.72 -5.43 29.46
C GLN B 137 7.24 -4.64 28.21
N LYS B 138 6.63 -5.37 27.27
CA LYS B 138 5.96 -4.82 26.10
C LYS B 138 4.57 -5.38 26.11
N ALA B 139 3.68 -4.77 25.35
CA ALA B 139 2.34 -5.33 25.19
C ALA B 139 1.94 -5.14 23.76
N THR B 140 1.62 -6.25 23.11
CA THR B 140 1.25 -6.27 21.71
C THR B 140 -0.18 -6.64 21.65
N LEU B 141 -0.98 -5.76 21.10
CA LEU B 141 -2.35 -6.09 20.81
C LEU B 141 -2.32 -6.34 19.35
N VAL B 142 -3.19 -7.26 18.95
CA VAL B 142 -3.33 -7.68 17.58
C VAL B 142 -4.76 -7.40 17.23
N CYS B 143 -4.96 -6.95 16.00
CA CYS B 143 -6.27 -6.78 15.44
C CYS B 143 -6.38 -7.60 14.19
N LEU B 144 -7.47 -8.35 14.07
CA LEU B 144 -7.80 -9.12 12.86
C LEU B 144 -9.01 -8.49 12.20
N ALA B 145 -8.92 -8.25 10.90
CA ALA B 145 -10.08 -7.92 10.07
C ALA B 145 -10.29 -9.11 9.13
N THR B 146 -11.41 -9.80 9.25
CA THR B 146 -11.73 -10.96 8.44
C THR B 146 -13.08 -10.72 7.79
N GLY B 147 -13.33 -11.44 6.70
CA GLY B 147 -14.63 -11.38 6.08
C GLY B 147 -14.84 -10.17 5.19
N PHE B 148 -13.82 -9.80 4.39
CA PHE B 148 -14.01 -8.76 3.41
C PHE B 148 -13.70 -9.14 1.98
N PHE B 149 -14.58 -8.69 1.09
CA PHE B 149 -14.36 -8.70 -0.35
C PHE B 149 -15.01 -7.41 -0.87
N PRO B 150 -14.46 -6.79 -1.90
CA PRO B 150 -13.14 -7.05 -2.41
C PRO B 150 -12.10 -6.57 -1.40
N ASP B 151 -10.81 -6.70 -1.71
CA ASP B 151 -9.69 -6.17 -0.90
C ASP B 151 -9.64 -4.64 -0.89
N HIS B 152 -10.52 -4.00 -0.11
CA HIS B 152 -10.58 -2.52 -0.02
C HIS B 152 -10.65 -2.08 1.44
N VAL B 153 -9.58 -2.15 2.21
CA VAL B 153 -9.67 -1.76 3.62
C VAL B 153 -8.56 -0.84 4.06
N GLU B 154 -8.82 -0.02 5.08
CA GLU B 154 -7.84 0.94 5.66
C GLU B 154 -7.87 0.79 7.19
N LEU B 155 -6.88 0.09 7.71
CA LEU B 155 -6.80 -0.28 9.10
C LEU B 155 -6.13 0.87 9.81
N SER B 156 -6.52 1.17 11.04
CA SER B 156 -5.87 2.27 11.83
C SER B 156 -5.96 2.05 13.36
N TRP B 157 -5.01 2.61 14.08
CA TRP B 157 -5.01 2.52 15.53
C TRP B 157 -5.15 3.91 16.16
N TRP B 158 -5.99 3.96 17.20
CA TRP B 158 -6.36 5.17 17.92
C TRP B 158 -6.13 4.95 19.41
N VAL B 159 -5.21 5.72 19.97
CA VAL B 159 -4.95 5.64 21.41
C VAL B 159 -5.51 6.90 22.10
N ASN B 160 -6.60 6.71 22.84
CA ASN B 160 -7.30 7.82 23.52
C ASN B 160 -7.70 8.93 22.56
N GLY B 161 -8.18 8.51 21.37
CA GLY B 161 -8.63 9.41 20.33
C GLY B 161 -7.61 10.06 19.40
N LYS B 162 -6.32 9.79 19.56
CA LYS B 162 -5.33 10.25 18.57
C LYS B 162 -4.81 9.05 17.75
N GLU B 163 -4.80 9.18 16.42
CA GLU B 163 -4.34 8.12 15.53
C GLU B 163 -2.85 7.95 15.80
N VAL B 164 -2.41 6.73 16.06
CA VAL B 164 -0.98 6.50 16.32
C VAL B 164 -0.30 5.80 15.13
N HIS B 165 0.87 6.32 14.78
CA HIS B 165 1.79 5.72 13.81
C HIS B 165 2.88 4.90 14.52
N SER B 166 3.18 5.28 15.77
CA SER B 166 4.24 4.67 16.55
C SER B 166 3.84 3.27 16.95
N GLY B 167 4.69 2.31 16.63
CA GLY B 167 4.55 0.93 17.11
C GLY B 167 3.47 0.11 16.45
N VAL B 168 3.18 0.39 15.18
CA VAL B 168 2.15 -0.33 14.40
C VAL B 168 2.70 -1.15 13.22
N CYS B 169 2.23 -2.39 13.03
CA CYS B 169 2.47 -3.12 11.76
C CYS B 169 1.17 -3.56 11.21
N THR B 170 0.89 -3.14 10.00
CA THR B 170 -0.14 -3.76 9.24
C THR B 170 0.42 -4.57 8.09
N ASP B 171 -0.28 -5.65 7.76
CA ASP B 171 0.15 -6.55 6.71
C ASP B 171 0.02 -5.80 5.35
N PRO B 172 1.07 -5.84 4.52
CA PRO B 172 0.94 -5.18 3.22
C PRO B 172 0.03 -5.92 2.24
N GLN B 173 -0.02 -7.24 2.33
CA GLN B 173 -0.91 -8.05 1.51
C GLN B 173 -1.81 -8.83 2.46
N PRO B 174 -3.13 -8.86 2.16
CA PRO B 174 -4.00 -9.69 2.98
C PRO B 174 -3.87 -11.15 2.52
N LEU B 175 -4.46 -12.06 3.26
CA LEU B 175 -4.48 -13.44 2.77
C LEU B 175 -5.94 -13.84 2.53
N LYS B 176 -6.13 -14.80 1.63
CA LYS B 176 -7.46 -15.26 1.27
C LYS B 176 -7.95 -16.25 2.32
N GLU B 177 -9.11 -15.98 2.91
CA GLU B 177 -9.76 -16.94 3.79
C GLU B 177 -9.99 -18.32 3.17
N GLN B 178 -10.13 -18.37 1.83
CA GLN B 178 -10.48 -19.59 1.11
C GLN B 178 -9.80 -19.61 -0.29
N PRO B 179 -8.44 -19.70 -0.31
CA PRO B 179 -7.62 -19.48 -1.53
C PRO B 179 -7.78 -20.53 -2.61
N ALA B 180 -8.74 -21.45 -2.42
CA ALA B 180 -9.20 -22.37 -3.44
C ALA B 180 -10.19 -21.69 -4.39
N LEU B 181 -11.15 -20.96 -3.85
CA LEU B 181 -12.12 -20.23 -4.69
C LEU B 181 -11.35 -19.26 -5.55
N ASN B 182 -11.95 -18.79 -6.64
CA ASN B 182 -11.36 -17.72 -7.43
C ASN B 182 -11.44 -16.45 -6.56
N ASP B 183 -12.66 -15.99 -6.34
CA ASP B 183 -12.91 -14.72 -5.67
C ASP B 183 -13.21 -14.96 -4.18
N SER B 184 -12.27 -15.61 -3.48
CA SER B 184 -12.42 -15.79 -2.03
C SER B 184 -12.34 -14.48 -1.25
N ARG B 185 -13.07 -14.46 -0.14
CA ARG B 185 -13.05 -13.39 0.84
C ARG B 185 -11.66 -13.32 1.52
N TYR B 186 -11.34 -12.14 2.06
CA TYR B 186 -9.99 -11.80 2.58
C TYR B 186 -9.91 -11.55 4.08
N SER B 187 -8.74 -11.84 4.65
CA SER B 187 -8.36 -11.40 5.99
C SER B 187 -7.08 -10.59 6.03
N LEU B 188 -7.01 -9.70 7.01
CA LEU B 188 -5.84 -8.87 7.23
C LEU B 188 -5.57 -8.73 8.71
N SER B 189 -4.30 -8.74 9.09
CA SER B 189 -3.94 -8.50 10.48
C SER B 189 -3.21 -7.20 10.63
N SER B 190 -3.34 -6.63 11.84
CA SER B 190 -2.49 -5.58 12.29
C SER B 190 -2.10 -5.73 13.74
N ARG B 191 -1.03 -5.03 14.08
CA ARG B 191 -0.42 -5.05 15.40
C ARG B 191 -0.14 -3.69 15.98
N LEU B 192 -0.27 -3.59 17.28
CA LEU B 192 0.09 -2.38 18.01
C LEU B 192 0.83 -2.77 19.24
N ARG B 193 2.01 -2.17 19.44
CA ARG B 193 2.88 -2.48 20.57
C ARG B 193 3.23 -1.25 21.40
N VAL B 194 3.07 -1.38 22.70
CA VAL B 194 3.42 -0.31 23.66
C VAL B 194 4.12 -0.92 24.89
N SER B 195 4.59 -0.02 25.77
CA SER B 195 5.15 -0.42 27.06
C SER B 195 4.05 -1.06 27.87
N ALA B 196 4.43 -2.06 28.67
CA ALA B 196 3.49 -2.65 29.64
C ALA B 196 2.90 -1.57 30.57
N THR B 197 3.69 -0.57 30.99
CA THR B 197 3.17 0.62 31.74
C THR B 197 1.88 1.21 31.14
N PHE B 198 1.93 1.46 29.84
CA PHE B 198 0.82 2.03 29.10
C PHE B 198 -0.39 1.08 29.15
N TRP B 199 -0.15 -0.19 28.84
CA TRP B 199 -1.24 -1.18 28.78
C TRP B 199 -1.83 -1.55 30.14
N GLN B 200 -1.03 -1.42 31.20
CA GLN B 200 -1.48 -1.74 32.57
C GLN B 200 -1.87 -0.47 33.34
N ASN B 201 -2.84 0.21 32.78
CA ASN B 201 -3.34 1.45 33.31
C ASN B 201 -4.73 1.49 32.70
N PRO B 202 -5.79 1.46 33.55
CA PRO B 202 -7.14 1.35 32.98
C PRO B 202 -7.73 2.62 32.43
N ARG B 203 -6.99 3.74 32.48
CA ARG B 203 -7.41 4.97 31.78
C ARG B 203 -6.75 5.18 30.41
N ASN B 204 -6.26 4.09 29.79
CA ASN B 204 -5.79 4.08 28.36
C ASN B 204 -6.73 3.26 27.45
N HIS B 205 -7.32 3.94 26.47
CA HIS B 205 -8.24 3.33 25.52
C HIS B 205 -7.53 2.98 24.20
N PHE B 206 -7.77 1.76 23.73
CA PHE B 206 -7.21 1.27 22.50
C PHE B 206 -8.36 0.82 21.61
N ARG B 207 -8.32 1.30 20.36
CA ARG B 207 -9.31 1.02 19.33
C ARG B 207 -8.63 0.59 17.99
N CYS B 208 -9.06 -0.57 17.48
CA CYS B 208 -8.76 -0.99 16.12
C CYS B 208 -9.85 -0.56 15.15
N GLN B 209 -9.52 0.35 14.23
CA GLN B 209 -10.47 0.97 13.26
C GLN B 209 -10.26 0.50 11.80
N VAL B 210 -11.33 0.04 11.18
CA VAL B 210 -11.24 -0.48 9.80
C VAL B 210 -12.28 0.13 8.87
N GLN B 211 -11.86 1.04 8.00
CA GLN B 211 -12.74 1.51 6.95
C GLN B 211 -12.78 0.53 5.82
N PHE B 212 -13.96 0.28 5.29
CA PHE B 212 -14.15 -0.61 4.16
C PHE B 212 -14.80 0.26 3.09
N TYR B 213 -14.54 -0.06 1.83
CA TYR B 213 -15.17 0.60 0.70
C TYR B 213 -15.78 -0.46 -0.14
N GLY B 214 -17.11 -0.47 -0.14
CA GLY B 214 -17.90 -1.31 -1.00
C GLY B 214 -18.82 -0.41 -1.80
N LEU B 215 -20.10 -0.37 -1.46
CA LEU B 215 -21.11 0.17 -2.36
C LEU B 215 -21.66 1.53 -1.90
N SER B 216 -22.20 2.26 -2.86
CA SER B 216 -22.73 3.59 -2.66
C SER B 216 -24.23 3.44 -2.40
N GLU B 217 -24.92 4.57 -2.24
CA GLU B 217 -26.40 4.57 -2.16
C GLU B 217 -27.09 4.10 -3.47
N ASN B 218 -26.47 4.39 -4.61
CA ASN B 218 -27.04 4.07 -5.94
C ASN B 218 -27.38 2.59 -6.20
N ASP B 219 -26.57 1.67 -5.65
CA ASP B 219 -26.55 0.26 -6.08
C ASP B 219 -27.77 -0.53 -5.62
N GLU B 220 -28.24 -1.41 -6.51
CA GLU B 220 -29.36 -2.33 -6.23
C GLU B 220 -29.03 -3.30 -5.07
N TRP B 221 -29.81 -3.23 -3.99
CA TRP B 221 -29.63 -4.16 -2.87
C TRP B 221 -30.98 -4.52 -2.22
N THR B 222 -31.27 -5.82 -2.17
CA THR B 222 -32.32 -6.38 -1.32
C THR B 222 -31.97 -7.84 -1.12
N GLN B 223 -30.90 -8.03 -0.35
CA GLN B 223 -30.48 -9.36 0.07
C GLN B 223 -30.50 -9.40 1.58
N ASP B 224 -30.60 -10.64 2.08
CA ASP B 224 -30.63 -10.98 3.52
C ASP B 224 -30.18 -9.84 4.45
N ARG B 225 -28.89 -9.53 4.38
CA ARG B 225 -28.24 -8.66 5.36
C ARG B 225 -28.21 -7.19 4.92
N ALA B 226 -27.69 -6.31 5.79
CA ALA B 226 -27.51 -4.87 5.50
C ALA B 226 -26.64 -4.59 4.28
N LYS B 227 -26.77 -3.37 3.76
CA LYS B 227 -26.12 -2.95 2.54
C LYS B 227 -24.61 -2.81 2.86
N PRO B 228 -23.70 -3.50 2.09
CA PRO B 228 -22.21 -3.44 2.29
C PRO B 228 -21.56 -2.12 1.83
N VAL B 229 -21.91 -1.06 2.52
CA VAL B 229 -21.52 0.28 2.18
C VAL B 229 -20.27 0.68 2.89
N THR B 230 -19.73 1.80 2.45
CA THR B 230 -18.58 2.41 3.08
C THR B 230 -18.96 2.75 4.50
N GLN B 231 -18.18 2.20 5.43
CA GLN B 231 -18.45 2.15 6.86
C GLN B 231 -17.12 1.98 7.56
N ILE B 232 -17.02 2.52 8.77
CA ILE B 232 -15.88 2.31 9.59
C ILE B 232 -16.35 1.32 10.62
N VAL B 233 -15.60 0.24 10.79
CA VAL B 233 -15.84 -0.78 11.79
C VAL B 233 -14.66 -0.71 12.76
N SER B 234 -14.96 -0.66 14.05
CA SER B 234 -13.93 -0.59 15.06
C SER B 234 -14.02 -1.79 15.97
N ALA B 235 -12.96 -1.99 16.73
CA ALA B 235 -12.98 -2.80 17.94
C ALA B 235 -12.18 -2.03 18.95
N GLU B 236 -12.55 -2.21 20.20
CA GLU B 236 -11.92 -1.49 21.26
C GLU B 236 -11.46 -2.45 22.33
N ALA B 237 -10.52 -2.00 23.15
CA ALA B 237 -10.22 -2.63 24.44
C ALA B 237 -9.56 -1.62 25.37
N TRP B 238 -9.81 -1.77 26.68
CA TRP B 238 -9.20 -0.92 27.70
C TRP B 238 -7.95 -1.55 28.32
N GLY B 239 -7.01 -0.70 28.73
CA GLY B 239 -5.79 -1.15 29.44
C GLY B 239 -6.10 -1.79 30.80
N ARG B 240 -5.23 -2.71 31.24
CA ARG B 240 -5.54 -3.65 32.38
C ARG B 240 -4.89 -3.32 33.73
N ALA B 241 -5.10 -4.21 34.73
CA ALA B 241 -4.42 -4.17 36.04
C ALA B 241 -4.47 -5.53 36.73
S SO4 C . 15.33 1.56 -22.34
O1 SO4 C . 14.96 0.14 -22.10
O2 SO4 C . 16.64 1.81 -21.69
O3 SO4 C . 15.40 1.78 -23.80
O4 SO4 C . 14.25 2.41 -21.82
#